data_6UBL
#
_entry.id   6UBL
#
_cell.length_a   59.830
_cell.length_b   116.126
_cell.length_c   129.877
_cell.angle_alpha   90.000
_cell.angle_beta   90.000
_cell.angle_gamma   90.000
#
_symmetry.space_group_name_H-M   'C 2 2 21'
#
loop_
_entity.id
_entity.type
_entity.pdbx_description
1 polymer DynF
2 non-polymer 'PALMITIC ACID'
3 water water
#
_entity_poly.entity_id   1
_entity_poly.type   'polypeptide(L)'
_entity_poly.pdbx_seq_one_letter_code
;SMSTKSVLFGRPVQTEGVPNVYAGAPVVPWTPPEPGIDNLGINSIDTFAVPGVGEYTVAFDGWVRVVRSPSTSGEWADAE
VYTNLIEMKMVGECEELGKITVTLNPDCLSAGQIRTPFDPYAGEGPSAKACRMAVGAIFDMPKLGLKLMNREPIILTIDD
VRSIPPAGAPGKGQIYRMMPLLDVNDPDGQPVAYLTSLRFNMGGYLKPDQM
;
_entity_poly.pdbx_strand_id   A,B
#
loop_
_chem_comp.id
_chem_comp.type
_chem_comp.name
_chem_comp.formula
PLM non-polymer 'PALMITIC ACID' 'C16 H32 O2'
#
# COMPACT_ATOMS: atom_id res chain seq x y z
N SER A 1 -17.83 7.28 -10.89
CA SER A 1 -16.63 6.58 -11.41
C SER A 1 -16.98 5.69 -12.58
N MET A 2 -16.00 5.49 -13.46
CA MET A 2 -16.11 4.55 -14.56
C MET A 2 -16.01 3.10 -14.12
N SER A 3 -15.59 2.84 -12.89
CA SER A 3 -15.50 1.49 -12.36
C SER A 3 -16.69 1.15 -11.47
N THR A 4 -17.13 -0.11 -11.53
CA THR A 4 -18.16 -0.61 -10.64
C THR A 4 -17.59 -1.24 -9.37
N LYS A 5 -16.27 -1.29 -9.23
CA LYS A 5 -15.64 -1.96 -8.08
C LYS A 5 -15.84 -1.15 -6.80
N SER A 6 -15.94 -1.85 -5.67
CA SER A 6 -16.21 -1.14 -4.41
C SER A 6 -14.98 -0.41 -3.89
N VAL A 7 -13.79 -0.91 -4.16
CA VAL A 7 -12.54 -0.28 -3.71
C VAL A 7 -11.61 -0.14 -4.90
N LEU A 8 -11.13 1.07 -5.14
CA LEU A 8 -10.24 1.33 -6.27
C LEU A 8 -8.82 1.61 -5.75
N PHE A 9 -7.84 0.85 -6.25
CA PHE A 9 -6.45 1.05 -5.85
C PHE A 9 -5.67 1.91 -6.85
N GLY A 10 -6.35 2.52 -7.82
CA GLY A 10 -5.72 3.41 -8.76
C GLY A 10 -6.73 3.88 -9.78
N ARG A 11 -6.28 4.23 -10.97
CA ARG A 11 -7.14 4.88 -11.95
C ARG A 11 -7.83 3.84 -12.84
N PRO A 12 -9.15 3.91 -13.02
CA PRO A 12 -9.79 2.98 -13.96
C PRO A 12 -9.37 3.22 -15.40
N VAL A 13 -9.24 2.11 -16.13
CA VAL A 13 -8.90 2.11 -17.55
C VAL A 13 -9.95 1.30 -18.29
N GLN A 14 -10.43 1.83 -19.41
N GLN A 14 -10.41 1.84 -19.42
CA GLN A 14 -11.49 1.17 -20.15
CA GLN A 14 -11.45 1.19 -20.20
C GLN A 14 -10.95 -0.01 -20.94
C GLN A 14 -10.91 -0.04 -20.92
N THR A 15 -11.73 -1.09 -20.97
CA THR A 15 -11.41 -2.29 -21.73
C THR A 15 -12.28 -2.43 -22.97
N GLU A 16 -13.49 -1.86 -22.95
CA GLU A 16 -14.37 -1.98 -24.11
C GLU A 16 -13.68 -1.42 -25.34
N GLY A 17 -13.72 -2.18 -26.43
CA GLY A 17 -13.11 -1.78 -27.68
C GLY A 17 -11.61 -1.90 -27.72
N VAL A 18 -10.98 -2.42 -26.66
CA VAL A 18 -9.53 -2.54 -26.59
C VAL A 18 -9.14 -3.97 -26.96
N PRO A 19 -8.31 -4.18 -27.99
CA PRO A 19 -8.03 -5.55 -28.42
C PRO A 19 -7.06 -6.27 -27.48
N ASN A 20 -7.25 -7.58 -27.39
CA ASN A 20 -6.29 -8.43 -26.73
C ASN A 20 -5.04 -8.59 -27.59
N VAL A 21 -3.91 -8.70 -26.90
CA VAL A 21 -2.62 -8.94 -27.53
C VAL A 21 -2.10 -10.29 -27.04
N TYR A 22 -1.70 -11.13 -27.98
CA TYR A 22 -1.25 -12.49 -27.71
C TYR A 22 0.10 -12.73 -28.36
N ALA A 23 0.63 -13.93 -28.11
CA ALA A 23 1.91 -14.32 -28.71
C ALA A 23 1.92 -14.08 -30.21
N GLY A 24 3.08 -13.64 -30.71
CA GLY A 24 3.21 -13.27 -32.11
C GLY A 24 3.40 -11.77 -32.23
N ALA A 25 2.72 -11.04 -31.36
CA ALA A 25 2.80 -9.59 -31.38
C ALA A 25 4.19 -9.14 -30.93
N PRO A 26 4.83 -8.22 -31.65
CA PRO A 26 6.16 -7.79 -31.24
C PRO A 26 6.10 -6.91 -30.00
N VAL A 27 7.19 -6.95 -29.23
CA VAL A 27 7.46 -6.00 -28.17
C VAL A 27 8.56 -5.09 -28.70
N VAL A 28 8.21 -3.87 -29.05
CA VAL A 28 9.15 -2.92 -29.65
C VAL A 28 9.70 -2.03 -28.54
N PRO A 29 11.01 -2.01 -28.30
CA PRO A 29 11.53 -1.17 -27.20
C PRO A 29 11.33 0.31 -27.50
N TRP A 30 11.23 1.08 -26.42
CA TRP A 30 11.25 2.54 -26.48
C TRP A 30 10.09 3.11 -27.31
N THR A 31 9.00 2.37 -27.44
CA THR A 31 7.90 2.73 -28.34
C THR A 31 6.58 2.65 -27.61
N PRO A 32 5.88 3.77 -27.39
CA PRO A 32 4.56 3.72 -26.73
C PRO A 32 3.58 2.95 -27.59
N PRO A 33 2.99 1.87 -27.08
CA PRO A 33 2.11 1.04 -27.92
C PRO A 33 0.68 1.58 -27.99
N GLU A 34 0.00 1.15 -29.04
N GLU A 34 -0.01 1.15 -29.05
CA GLU A 34 -1.44 1.36 -29.12
CA GLU A 34 -1.44 1.37 -29.12
C GLU A 34 -2.11 0.64 -27.97
C GLU A 34 -2.11 0.64 -27.97
N PRO A 35 -3.25 1.12 -27.48
CA PRO A 35 -3.92 0.44 -26.37
C PRO A 35 -4.21 -1.02 -26.69
N GLY A 36 -4.07 -1.85 -25.67
CA GLY A 36 -4.35 -3.28 -25.80
C GLY A 36 -4.40 -3.92 -24.44
N ILE A 37 -4.87 -5.17 -24.42
CA ILE A 37 -4.88 -5.99 -23.23
C ILE A 37 -3.77 -7.01 -23.38
N ASP A 38 -2.73 -6.89 -22.57
CA ASP A 38 -1.60 -7.80 -22.67
C ASP A 38 -1.92 -9.10 -21.95
N ASN A 39 -1.74 -10.23 -22.65
CA ASN A 39 -1.92 -11.56 -22.08
C ASN A 39 -0.52 -12.12 -21.87
N LEU A 40 -0.04 -12.08 -20.64
CA LEU A 40 1.37 -12.30 -20.35
C LEU A 40 1.60 -13.41 -19.34
N GLY A 41 2.69 -14.15 -19.54
CA GLY A 41 3.13 -15.08 -18.54
C GLY A 41 3.83 -14.38 -17.38
N ILE A 42 3.85 -15.05 -16.23
CA ILE A 42 4.49 -14.51 -15.04
C ILE A 42 4.83 -15.67 -14.10
N ASN A 43 5.93 -15.53 -13.37
CA ASN A 43 6.26 -16.42 -12.26
C ASN A 43 6.65 -15.58 -11.05
N SER A 44 6.57 -16.19 -9.87
CA SER A 44 6.90 -15.47 -8.65
C SER A 44 7.34 -16.45 -7.59
N ILE A 45 7.96 -15.90 -6.54
CA ILE A 45 8.33 -16.62 -5.33
C ILE A 45 7.77 -15.80 -4.17
N ASP A 46 6.90 -16.42 -3.37
CA ASP A 46 6.19 -15.73 -2.30
C ASP A 46 6.52 -16.41 -0.98
N THR A 47 6.75 -15.61 0.07
CA THR A 47 6.96 -16.15 1.41
C THR A 47 5.82 -15.76 2.34
N PHE A 48 5.29 -16.74 3.06
CA PHE A 48 4.15 -16.56 3.95
C PHE A 48 4.55 -16.92 5.37
N ALA A 49 4.23 -16.06 6.33
CA ALA A 49 4.44 -16.34 7.75
C ALA A 49 3.09 -16.62 8.40
N VAL A 50 2.98 -17.76 9.06
CA VAL A 50 1.79 -18.12 9.84
C VAL A 50 2.16 -18.02 11.32
N PRO A 51 1.60 -17.08 12.06
CA PRO A 51 2.07 -16.83 13.43
C PRO A 51 2.02 -18.09 14.29
N GLY A 52 3.11 -18.33 15.02
CA GLY A 52 3.22 -19.47 15.89
C GLY A 52 3.31 -20.81 15.20
N VAL A 53 3.39 -20.83 13.87
CA VAL A 53 3.28 -22.08 13.12
C VAL A 53 4.51 -22.28 12.25
N GLY A 54 4.77 -21.35 11.33
CA GLY A 54 5.92 -21.48 10.46
C GLY A 54 5.98 -20.39 9.42
N GLU A 55 7.00 -20.49 8.57
N GLU A 55 7.00 -20.51 8.56
CA GLU A 55 7.19 -19.60 7.42
CA GLU A 55 7.23 -19.62 7.44
C GLU A 55 7.51 -20.46 6.22
C GLU A 55 7.50 -20.50 6.22
N TYR A 56 6.91 -20.13 5.08
CA TYR A 56 6.90 -20.99 3.91
C TYR A 56 7.18 -20.19 2.66
N THR A 57 8.03 -20.73 1.80
CA THR A 57 8.37 -20.10 0.55
C THR A 57 7.81 -20.96 -0.58
N VAL A 58 7.02 -20.33 -1.46
CA VAL A 58 6.28 -21.06 -2.49
C VAL A 58 6.53 -20.40 -3.83
N ALA A 59 6.83 -21.22 -4.84
CA ALA A 59 7.01 -20.75 -6.20
C ALA A 59 5.70 -20.88 -6.97
N PHE A 60 5.39 -19.85 -7.74
CA PHE A 60 4.16 -19.78 -8.50
C PHE A 60 4.45 -19.53 -9.98
N ASP A 61 3.56 -20.04 -10.83
CA ASP A 61 3.61 -19.80 -12.27
C ASP A 61 2.19 -19.53 -12.73
N GLY A 62 2.05 -18.69 -13.75
CA GLY A 62 0.73 -18.42 -14.26
C GLY A 62 0.70 -17.29 -15.26
N TRP A 63 -0.36 -16.49 -15.22
CA TRP A 63 -0.55 -15.46 -16.23
C TRP A 63 -1.32 -14.29 -15.64
N VAL A 64 -1.20 -13.15 -16.31
CA VAL A 64 -1.95 -11.95 -16.00
C VAL A 64 -2.48 -11.38 -17.30
N ARG A 65 -3.60 -10.66 -17.21
CA ARG A 65 -4.17 -9.89 -18.30
C ARG A 65 -4.23 -8.44 -17.81
N VAL A 66 -3.54 -7.55 -18.53
CA VAL A 66 -3.37 -6.17 -18.09
C VAL A 66 -3.81 -5.27 -19.23
N VAL A 67 -4.83 -4.44 -18.98
CA VAL A 67 -5.26 -3.46 -19.98
C VAL A 67 -4.43 -2.19 -19.82
N ARG A 68 -4.03 -1.61 -20.94
CA ARG A 68 -3.30 -0.35 -21.01
C ARG A 68 -4.19 0.73 -21.58
N SER A 69 -4.12 1.92 -21.00
CA SER A 69 -4.73 3.09 -21.59
C SER A 69 -3.95 3.45 -22.85
N PRO A 70 -4.50 4.32 -23.69
CA PRO A 70 -3.66 4.92 -24.73
C PRO A 70 -2.53 5.69 -24.05
N SER A 71 -1.39 5.75 -24.72
CA SER A 71 -0.28 6.52 -24.16
C SER A 71 -0.61 8.00 -24.23
N THR A 72 -0.18 8.73 -23.20
CA THR A 72 -0.40 10.17 -23.21
C THR A 72 0.44 10.90 -24.26
N SER A 73 1.41 10.22 -24.86
CA SER A 73 2.20 10.80 -25.93
C SER A 73 2.71 9.69 -26.83
N GLY A 74 2.90 10.03 -28.10
CA GLY A 74 3.57 9.15 -29.01
C GLY A 74 5.08 9.17 -28.91
N GLU A 75 5.62 10.11 -28.15
CA GLU A 75 7.06 10.21 -27.92
C GLU A 75 7.39 9.57 -26.57
N TRP A 76 8.34 8.65 -26.58
CA TRP A 76 8.65 7.87 -25.37
C TRP A 76 8.92 8.76 -24.17
N ALA A 77 9.76 9.78 -24.33
CA ALA A 77 10.23 10.52 -23.15
C ALA A 77 9.06 11.08 -22.34
N ASP A 78 8.00 11.51 -23.02
CA ASP A 78 6.83 12.11 -22.40
C ASP A 78 5.72 11.13 -22.08
N ALA A 79 5.81 9.89 -22.56
CA ALA A 79 4.68 8.98 -22.55
C ALA A 79 4.42 8.43 -21.15
N GLU A 80 3.13 8.41 -20.79
CA GLU A 80 2.66 7.72 -19.61
C GLU A 80 1.56 6.76 -20.06
N VAL A 81 1.48 5.62 -19.38
CA VAL A 81 0.46 4.62 -19.63
C VAL A 81 -0.14 4.21 -18.29
N TYR A 82 -1.46 4.20 -18.23
CA TYR A 82 -2.21 3.73 -17.06
C TYR A 82 -2.68 2.32 -17.31
N THR A 83 -2.65 1.49 -16.28
CA THR A 83 -2.91 0.06 -16.43
C THR A 83 -3.95 -0.38 -15.41
N ASN A 84 -4.71 -1.41 -15.76
CA ASN A 84 -5.50 -2.16 -14.79
C ASN A 84 -5.15 -3.63 -14.96
N LEU A 85 -4.99 -4.34 -13.85
CA LEU A 85 -4.87 -5.79 -13.86
C LEU A 85 -6.29 -6.35 -13.80
N ILE A 86 -6.74 -6.97 -14.89
CA ILE A 86 -8.15 -7.35 -15.01
C ILE A 86 -8.42 -8.84 -14.80
N GLU A 87 -7.39 -9.68 -14.86
CA GLU A 87 -7.60 -11.10 -14.60
C GLU A 87 -6.23 -11.69 -14.32
N MET A 88 -6.19 -12.69 -13.44
N MET A 88 -6.18 -12.70 -13.45
CA MET A 88 -4.96 -13.36 -13.07
CA MET A 88 -4.91 -13.36 -13.19
C MET A 88 -5.26 -14.81 -12.73
C MET A 88 -5.17 -14.75 -12.62
N LYS A 89 -4.26 -15.67 -12.93
CA LYS A 89 -4.26 -16.99 -12.32
C LYS A 89 -2.81 -17.39 -12.13
N MET A 90 -2.37 -17.54 -10.88
CA MET A 90 -1.06 -18.11 -10.60
C MET A 90 -1.24 -19.28 -9.63
N VAL A 91 -0.46 -20.34 -9.84
CA VAL A 91 -0.57 -21.55 -9.05
C VAL A 91 0.79 -21.94 -8.52
N GLY A 92 0.83 -22.36 -7.25
CA GLY A 92 2.03 -22.88 -6.65
C GLY A 92 1.66 -23.97 -5.66
N GLU A 93 2.67 -24.72 -5.24
CA GLU A 93 2.41 -25.88 -4.41
C GLU A 93 3.48 -26.03 -3.35
N CYS A 94 3.07 -26.63 -2.25
CA CYS A 94 3.84 -26.63 -1.02
C CYS A 94 3.28 -27.74 -0.14
N GLU A 95 4.18 -28.53 0.46
CA GLU A 95 3.73 -29.65 1.27
C GLU A 95 2.84 -29.18 2.41
N GLU A 96 3.26 -28.14 3.11
CA GLU A 96 2.56 -27.72 4.32
C GLU A 96 1.28 -26.96 4.00
N LEU A 97 1.30 -26.09 2.99
CA LEU A 97 0.16 -25.24 2.68
C LEU A 97 -0.71 -25.78 1.57
N GLY A 98 -0.28 -26.84 0.89
CA GLY A 98 -1.03 -27.37 -0.23
C GLY A 98 -0.87 -26.52 -1.48
N LYS A 99 -1.76 -26.78 -2.45
CA LYS A 99 -1.78 -26.03 -3.69
C LYS A 99 -2.47 -24.68 -3.46
N ILE A 100 -1.78 -23.59 -3.81
CA ILE A 100 -2.28 -22.24 -3.61
C ILE A 100 -2.57 -21.64 -4.98
N THR A 101 -3.77 -21.10 -5.14
CA THR A 101 -4.18 -20.45 -6.38
C THR A 101 -4.48 -19.00 -6.08
N VAL A 102 -3.84 -18.10 -6.83
CA VAL A 102 -3.96 -16.66 -6.64
C VAL A 102 -4.71 -16.07 -7.81
N THR A 103 -5.79 -15.36 -7.51
CA THR A 103 -6.63 -14.69 -8.49
C THR A 103 -6.92 -13.29 -7.97
N LEU A 104 -7.68 -12.51 -8.74
CA LEU A 104 -8.06 -11.18 -8.29
C LEU A 104 -9.29 -11.19 -7.40
N ASN A 105 -9.30 -10.28 -6.44
CA ASN A 105 -10.50 -10.02 -5.64
C ASN A 105 -11.47 -9.20 -6.48
N PRO A 106 -12.65 -9.72 -6.82
CA PRO A 106 -13.57 -8.96 -7.69
C PRO A 106 -14.09 -7.69 -7.06
N ASP A 107 -13.92 -7.49 -5.76
CA ASP A 107 -14.39 -6.27 -5.10
C ASP A 107 -13.43 -5.11 -5.27
N CYS A 108 -12.24 -5.36 -5.81
CA CYS A 108 -11.15 -4.39 -5.85
C CYS A 108 -10.74 -4.11 -7.29
N LEU A 109 -10.46 -2.86 -7.60
CA LEU A 109 -9.79 -2.52 -8.86
C LEU A 109 -8.28 -2.53 -8.63
N SER A 110 -7.58 -3.46 -9.28
CA SER A 110 -6.12 -3.49 -9.28
C SER A 110 -5.63 -2.62 -10.42
N ALA A 111 -4.80 -1.63 -10.10
CA ALA A 111 -4.48 -0.56 -11.06
C ALA A 111 -3.05 -0.07 -10.85
N GLY A 112 -2.48 0.45 -11.92
CA GLY A 112 -1.10 0.89 -11.87
C GLY A 112 -0.80 1.86 -12.99
N GLN A 113 0.49 2.16 -13.14
CA GLN A 113 0.91 3.12 -14.15
C GLN A 113 2.38 2.90 -14.50
N ILE A 114 2.76 3.48 -15.63
CA ILE A 114 4.13 3.45 -16.14
C ILE A 114 4.50 4.88 -16.50
N ARG A 115 5.55 5.39 -15.87
CA ARG A 115 5.99 6.77 -16.12
C ARG A 115 7.44 6.95 -15.71
N THR A 116 8.03 8.02 -16.23
CA THR A 116 9.39 8.40 -15.83
C THR A 116 9.44 8.59 -14.31
N PRO A 117 10.40 7.97 -13.62
CA PRO A 117 10.54 8.19 -12.18
C PRO A 117 11.14 9.56 -11.87
N PHE A 118 10.90 10.02 -10.63
CA PHE A 118 11.48 11.25 -10.12
C PHE A 118 12.89 11.05 -9.58
N ASP A 119 13.32 9.80 -9.44
CA ASP A 119 14.62 9.44 -8.89
C ASP A 119 15.35 8.54 -9.88
N PRO A 120 15.73 9.08 -11.07
CA PRO A 120 16.47 8.30 -12.08
C PRO A 120 17.94 8.09 -11.71
N TYR A 121 18.18 7.63 -10.50
CA TYR A 121 19.54 7.49 -9.97
C TYR A 121 19.81 6.07 -9.51
N ALA A 122 19.29 5.12 -10.29
CA ALA A 122 19.36 3.71 -9.95
C ALA A 122 20.14 2.88 -10.95
N GLY A 123 20.78 3.48 -11.93
CA GLY A 123 21.48 2.68 -12.89
C GLY A 123 20.61 2.11 -13.99
N GLU A 124 19.39 2.62 -14.13
CA GLU A 124 18.51 2.19 -15.18
C GLU A 124 18.98 2.77 -16.48
N GLY A 125 18.53 2.19 -17.59
CA GLY A 125 18.97 2.70 -18.86
C GLY A 125 18.46 4.12 -18.94
N PRO A 126 19.12 4.96 -19.73
CA PRO A 126 18.68 6.37 -19.81
C PRO A 126 17.32 6.39 -20.47
N SER A 127 16.40 7.12 -19.88
CA SER A 127 15.02 7.24 -20.36
C SER A 127 14.11 6.13 -19.84
N ALA A 128 14.63 5.13 -19.16
CA ALA A 128 13.78 4.02 -18.73
C ALA A 128 12.70 4.53 -17.78
N LYS A 129 11.59 3.81 -17.73
CA LYS A 129 10.47 4.21 -16.92
C LYS A 129 10.31 3.27 -15.73
N ALA A 130 9.36 3.65 -14.86
CA ALA A 130 9.05 2.89 -13.66
C ALA A 130 7.60 2.46 -13.75
N CYS A 131 7.36 1.21 -13.45
CA CYS A 131 6.05 0.57 -13.52
C CYS A 131 5.64 0.11 -12.13
N ARG A 132 4.38 0.37 -11.78
CA ARG A 132 3.83 -0.03 -10.50
C ARG A 132 2.41 -0.54 -10.72
N MET A 133 1.99 -1.45 -9.83
CA MET A 133 0.64 -1.99 -9.85
C MET A 133 0.25 -2.27 -8.40
N ALA A 134 -0.96 -1.87 -8.03
CA ALA A 134 -1.50 -2.06 -6.68
C ALA A 134 -2.62 -3.08 -6.78
N VAL A 135 -2.48 -4.20 -6.08
CA VAL A 135 -3.27 -5.40 -6.36
C VAL A 135 -4.08 -5.84 -5.15
N GLY A 136 -5.35 -6.13 -5.39
CA GLY A 136 -6.20 -6.84 -4.43
C GLY A 136 -6.36 -8.28 -4.88
N ALA A 137 -5.84 -9.23 -4.10
CA ALA A 137 -5.78 -10.62 -4.50
C ALA A 137 -6.59 -11.52 -3.58
N ILE A 138 -6.83 -12.74 -4.08
CA ILE A 138 -7.40 -13.83 -3.30
C ILE A 138 -6.42 -14.99 -3.34
N PHE A 139 -6.11 -15.56 -2.19
CA PHE A 139 -5.19 -16.72 -2.08
C PHE A 139 -6.04 -17.90 -1.65
N ASP A 140 -6.32 -18.82 -2.58
CA ASP A 140 -7.13 -20.01 -2.29
C ASP A 140 -6.21 -21.11 -1.79
N MET A 141 -6.43 -21.56 -0.56
CA MET A 141 -5.60 -22.57 0.10
C MET A 141 -6.52 -23.71 0.55
N PRO A 142 -7.02 -24.50 -0.40
CA PRO A 142 -7.95 -25.58 -0.04
C PRO A 142 -7.44 -26.55 1.01
N LYS A 143 -6.14 -26.85 1.05
CA LYS A 143 -5.67 -27.81 2.05
C LYS A 143 -5.96 -27.30 3.46
N LEU A 144 -5.88 -26.00 3.67
CA LEU A 144 -6.17 -25.39 4.96
C LEU A 144 -7.65 -25.02 5.13
N GLY A 145 -8.47 -25.29 4.12
CA GLY A 145 -9.87 -24.92 4.17
C GLY A 145 -10.11 -23.44 4.20
N LEU A 146 -9.19 -22.65 3.65
CA LEU A 146 -9.21 -21.20 3.76
C LEU A 146 -9.02 -20.55 2.40
N LYS A 147 -9.62 -19.36 2.27
CA LYS A 147 -9.29 -18.41 1.22
C LYS A 147 -8.91 -17.12 1.93
N LEU A 148 -7.80 -16.51 1.53
CA LEU A 148 -7.33 -15.29 2.16
C LEU A 148 -7.36 -14.14 1.17
N MET A 149 -7.47 -12.93 1.71
N MET A 149 -7.44 -12.92 1.70
CA MET A 149 -7.46 -11.72 0.90
CA MET A 149 -7.52 -11.69 0.90
C MET A 149 -6.64 -10.66 1.60
C MET A 149 -6.77 -10.59 1.63
N ASN A 150 -6.29 -9.62 0.85
CA ASN A 150 -5.59 -8.46 1.40
C ASN A 150 -6.49 -7.22 1.29
N ARG A 151 -6.55 -6.44 2.36
CA ARG A 151 -7.19 -5.13 2.34
C ARG A 151 -6.21 -4.03 1.96
N GLU A 152 -4.97 -4.16 2.39
CA GLU A 152 -3.91 -3.29 1.95
C GLU A 152 -3.42 -3.78 0.60
N PRO A 153 -3.40 -2.94 -0.44
CA PRO A 153 -3.01 -3.43 -1.76
C PRO A 153 -1.54 -3.87 -1.76
N ILE A 154 -1.28 -4.96 -2.48
CA ILE A 154 0.09 -5.42 -2.70
C ILE A 154 0.69 -4.56 -3.81
N ILE A 155 1.77 -3.87 -3.49
CA ILE A 155 2.41 -2.94 -4.42
C ILE A 155 3.50 -3.72 -5.17
N LEU A 156 3.33 -3.85 -6.48
CA LEU A 156 4.24 -4.63 -7.33
C LEU A 156 4.91 -3.68 -8.30
N THR A 157 6.23 -3.76 -8.40
CA THR A 157 7.01 -2.78 -9.13
C THR A 157 7.94 -3.45 -10.12
N ILE A 158 8.14 -2.78 -11.24
CA ILE A 158 9.16 -3.13 -12.22
C ILE A 158 9.92 -1.86 -12.54
N ASP A 159 11.23 -1.88 -12.33
CA ASP A 159 12.10 -0.76 -12.64
C ASP A 159 12.80 -1.02 -13.97
N ASP A 160 13.49 0.01 -14.46
CA ASP A 160 14.24 -0.09 -15.72
C ASP A 160 13.36 -0.58 -16.86
N VAL A 161 12.20 0.07 -17.01
CA VAL A 161 11.25 -0.29 -18.06
C VAL A 161 11.70 0.35 -19.37
N ARG A 162 12.08 -0.48 -20.33
CA ARG A 162 12.54 -0.01 -21.64
C ARG A 162 11.59 -0.44 -22.76
N SER A 163 10.56 -1.20 -22.44
CA SER A 163 9.52 -1.52 -23.41
C SER A 163 8.20 -1.62 -22.66
N ILE A 164 7.11 -1.39 -23.38
CA ILE A 164 5.77 -1.54 -22.82
C ILE A 164 5.03 -2.51 -23.72
N PRO A 165 4.65 -3.70 -23.23
CA PRO A 165 4.86 -4.18 -21.86
C PRO A 165 6.30 -4.55 -21.58
N PRO A 166 6.71 -4.53 -20.32
CA PRO A 166 8.09 -4.91 -19.96
C PRO A 166 8.25 -6.43 -19.89
N ALA A 167 8.09 -7.08 -21.04
CA ALA A 167 8.23 -8.54 -21.10
C ALA A 167 9.62 -8.96 -20.62
N GLY A 168 9.66 -10.07 -19.89
CA GLY A 168 10.90 -10.63 -19.40
C GLY A 168 11.47 -9.98 -18.17
N ALA A 169 10.89 -8.89 -17.69
CA ALA A 169 11.55 -8.08 -16.68
C ALA A 169 11.32 -8.62 -15.27
N PRO A 170 12.32 -8.47 -14.40
CA PRO A 170 12.13 -8.81 -12.98
C PRO A 170 11.42 -7.68 -12.25
N GLY A 171 10.65 -8.07 -11.23
CA GLY A 171 9.93 -7.13 -10.39
C GLY A 171 9.87 -7.62 -8.97
N LYS A 172 9.27 -6.79 -8.10
N LYS A 172 9.31 -6.77 -8.11
CA LYS A 172 9.24 -7.09 -6.69
CA LYS A 172 9.27 -7.04 -6.68
C LYS A 172 7.98 -6.56 -6.04
C LYS A 172 7.92 -6.61 -6.11
N GLY A 173 7.55 -7.26 -4.99
CA GLY A 173 6.46 -6.78 -4.17
C GLY A 173 7.10 -5.92 -3.10
N GLN A 174 6.59 -4.71 -2.93
CA GLN A 174 7.13 -3.73 -1.97
C GLN A 174 6.40 -3.93 -0.66
N ILE A 175 6.93 -4.84 0.16
CA ILE A 175 6.35 -5.22 1.43
C ILE A 175 7.40 -4.93 2.50
N TYR A 176 7.08 -4.03 3.43
CA TYR A 176 7.99 -3.73 4.53
C TYR A 176 7.64 -4.67 5.69
N ARG A 177 8.42 -5.75 5.81
CA ARG A 177 8.34 -6.70 6.92
C ARG A 177 7.14 -7.63 6.87
N MET A 178 5.94 -7.09 6.63
CA MET A 178 4.75 -7.93 6.65
C MET A 178 3.58 -7.25 5.95
N MET A 179 2.76 -8.08 5.28
N MET A 179 2.79 -8.07 5.26
CA MET A 179 1.51 -7.66 4.64
CA MET A 179 1.52 -7.68 4.69
C MET A 179 0.42 -8.58 5.18
C MET A 179 0.46 -8.59 5.29
N PRO A 180 -0.61 -8.05 5.86
CA PRO A 180 -1.63 -8.93 6.44
C PRO A 180 -2.49 -9.63 5.37
N LEU A 181 -2.77 -10.90 5.62
CA LEU A 181 -3.70 -11.70 4.82
C LEU A 181 -4.85 -12.16 5.70
N LEU A 182 -6.06 -11.88 5.28
CA LEU A 182 -7.27 -12.03 6.09
C LEU A 182 -8.14 -13.15 5.53
N ASP A 183 -8.80 -13.88 6.44
CA ASP A 183 -9.79 -14.87 6.04
C ASP A 183 -10.95 -14.16 5.35
N VAL A 184 -11.29 -14.59 4.13
CA VAL A 184 -12.40 -13.96 3.42
C VAL A 184 -13.69 -14.06 4.22
N ASN A 185 -13.80 -15.08 5.06
CA ASN A 185 -14.97 -15.25 5.90
C ASN A 185 -14.88 -14.50 7.23
N ASP A 186 -13.76 -13.85 7.54
CA ASP A 186 -13.64 -13.08 8.78
C ASP A 186 -12.71 -11.91 8.51
N PRO A 187 -13.06 -11.03 7.56
CA PRO A 187 -12.13 -9.99 7.12
C PRO A 187 -11.91 -8.90 8.17
N ASP A 188 -12.79 -8.77 9.16
CA ASP A 188 -12.54 -7.86 10.27
C ASP A 188 -11.79 -8.53 11.40
N GLY A 189 -11.37 -9.79 11.23
CA GLY A 189 -10.68 -10.51 12.27
C GLY A 189 -9.18 -10.28 12.24
N GLN A 190 -8.48 -10.98 13.13
CA GLN A 190 -7.03 -10.96 13.08
C GLN A 190 -6.56 -11.58 11.78
N PRO A 191 -5.44 -11.11 11.22
CA PRO A 191 -4.86 -11.79 10.06
C PRO A 191 -4.57 -13.26 10.36
N VAL A 192 -4.77 -14.09 9.35
CA VAL A 192 -4.44 -15.51 9.44
C VAL A 192 -2.98 -15.76 9.12
N ALA A 193 -2.41 -14.96 8.23
CA ALA A 193 -1.05 -15.12 7.78
C ALA A 193 -0.56 -13.76 7.29
N TYR A 194 0.75 -13.68 7.05
CA TYR A 194 1.34 -12.48 6.49
C TYR A 194 2.21 -12.86 5.31
N LEU A 195 2.08 -12.11 4.23
CA LEU A 195 3.01 -12.19 3.12
C LEU A 195 4.20 -11.32 3.49
N THR A 196 5.37 -11.94 3.60
CA THR A 196 6.56 -11.22 4.06
C THR A 196 7.50 -10.82 2.93
N SER A 197 7.44 -11.49 1.77
CA SER A 197 8.20 -11.06 0.63
C SER A 197 7.59 -11.67 -0.63
N LEU A 198 7.86 -11.03 -1.76
CA LEU A 198 7.40 -11.50 -3.06
C LEU A 198 8.33 -10.93 -4.10
N ARG A 199 8.83 -11.80 -4.98
CA ARG A 199 9.59 -11.40 -6.15
C ARG A 199 8.96 -12.08 -7.34
N PHE A 200 9.08 -11.46 -8.52
CA PHE A 200 8.45 -12.02 -9.69
C PHE A 200 9.26 -11.69 -10.93
N ASN A 201 8.96 -12.41 -12.01
CA ASN A 201 9.49 -12.12 -13.33
C ASN A 201 8.34 -12.13 -14.31
N MET A 202 8.29 -11.11 -15.16
CA MET A 202 7.37 -11.15 -16.27
C MET A 202 7.90 -12.10 -17.33
N GLY A 203 7.01 -12.86 -17.95
CA GLY A 203 7.35 -13.60 -19.14
C GLY A 203 7.00 -12.79 -20.37
N GLY A 204 6.49 -13.46 -21.40
CA GLY A 204 6.11 -12.78 -22.63
C GLY A 204 4.65 -13.03 -22.99
N TYR A 205 4.26 -12.63 -24.18
CA TYR A 205 2.88 -12.84 -24.60
C TYR A 205 2.58 -14.33 -24.73
N LEU A 206 1.37 -14.71 -24.35
CA LEU A 206 0.92 -16.10 -24.41
C LEU A 206 -0.04 -16.31 -25.56
N LYS A 207 -0.14 -17.58 -25.98
CA LYS A 207 -1.22 -17.99 -26.84
C LYS A 207 -2.49 -18.14 -26.00
N PRO A 208 -3.67 -17.92 -26.59
CA PRO A 208 -4.91 -18.14 -25.81
C PRO A 208 -4.98 -19.50 -25.14
N ASP A 209 -4.48 -20.56 -25.79
CA ASP A 209 -4.57 -21.89 -25.22
C ASP A 209 -3.52 -22.15 -24.14
N GLN A 210 -2.65 -21.19 -23.85
CA GLN A 210 -1.72 -21.32 -22.73
C GLN A 210 -2.29 -20.76 -21.43
N MET A 211 -3.56 -20.36 -21.43
CA MET A 211 -4.16 -19.71 -20.29
C MET A 211 -5.38 -20.49 -19.84
N SER B 1 -18.60 -5.25 6.78
CA SER B 1 -17.66 -4.88 7.86
C SER B 1 -18.39 -4.06 8.92
N MET B 2 -17.90 -4.13 10.16
CA MET B 2 -18.47 -3.29 11.21
C MET B 2 -18.11 -1.82 11.03
N SER B 3 -17.16 -1.50 10.17
CA SER B 3 -16.85 -0.11 9.85
C SER B 3 -17.71 0.28 8.66
N THR B 4 -18.26 1.50 8.69
CA THR B 4 -19.12 1.95 7.61
C THR B 4 -18.35 2.61 6.47
N LYS B 5 -17.03 2.76 6.60
CA LYS B 5 -16.24 3.44 5.59
C LYS B 5 -16.14 2.60 4.33
N SER B 6 -16.02 3.29 3.19
N SER B 6 -16.04 3.26 3.19
CA SER B 6 -16.04 2.63 1.89
CA SER B 6 -16.08 2.53 1.93
C SER B 6 -14.77 1.81 1.68
C SER B 6 -14.76 1.86 1.59
N VAL B 7 -13.65 2.30 2.17
CA VAL B 7 -12.32 1.75 1.88
C VAL B 7 -11.72 1.40 3.23
N LEU B 8 -11.45 0.11 3.44
CA LEU B 8 -10.88 -0.36 4.70
C LEU B 8 -9.44 -0.79 4.45
N PHE B 9 -8.49 -0.12 5.13
CA PHE B 9 -7.08 -0.46 4.99
C PHE B 9 -6.58 -1.41 6.07
N GLY B 10 -7.45 -1.93 6.92
CA GLY B 10 -7.07 -2.88 7.94
C GLY B 10 -8.24 -3.25 8.84
N ARG B 11 -7.95 -3.60 10.09
CA ARG B 11 -8.93 -4.15 11.00
C ARG B 11 -9.62 -3.03 11.80
N PRO B 12 -10.94 -2.98 11.84
CA PRO B 12 -11.62 -1.99 12.68
C PRO B 12 -11.37 -2.25 14.16
N VAL B 13 -11.29 -1.16 14.93
CA VAL B 13 -11.09 -1.22 16.38
C VAL B 13 -12.17 -0.41 17.09
N GLN B 14 -12.70 -0.97 18.17
N GLN B 14 -12.71 -0.97 18.17
CA GLN B 14 -13.67 -0.31 19.05
CA GLN B 14 -13.75 -0.30 18.94
C GLN B 14 -13.16 1.03 19.56
C GLN B 14 -13.22 0.99 19.55
N THR B 15 -14.00 2.07 19.43
CA THR B 15 -13.74 3.33 20.09
C THR B 15 -14.73 3.66 21.19
N GLU B 16 -16.00 3.25 21.05
CA GLU B 16 -17.00 3.61 22.06
C GLU B 16 -16.61 3.09 23.42
N GLY B 17 -16.70 3.96 24.43
CA GLY B 17 -16.34 3.60 25.78
C GLY B 17 -14.85 3.50 26.05
N VAL B 18 -14.02 3.80 25.05
CA VAL B 18 -12.56 3.69 25.20
C VAL B 18 -12.05 5.05 25.66
N PRO B 19 -11.42 5.16 26.82
CA PRO B 19 -11.04 6.48 27.33
C PRO B 19 -9.89 7.11 26.57
N ASN B 20 -9.93 8.42 26.46
CA ASN B 20 -8.79 9.17 25.95
C ASN B 20 -7.66 9.16 26.96
N VAL B 21 -6.44 9.16 26.44
CA VAL B 21 -5.22 9.26 27.23
C VAL B 21 -4.52 10.55 26.84
N TYR B 22 -4.15 11.34 27.84
CA TYR B 22 -3.54 12.64 27.65
C TYR B 22 -2.26 12.74 28.45
N ALA B 23 -1.57 13.87 28.27
CA ALA B 23 -0.34 14.15 29.00
C ALA B 23 -0.54 13.95 30.51
N GLY B 24 0.48 13.41 31.15
CA GLY B 24 0.39 13.08 32.56
C GLY B 24 0.40 11.57 32.70
N ALA B 25 -0.26 10.90 31.76
CA ALA B 25 -0.28 9.45 31.77
C ALA B 25 1.13 8.96 31.47
N PRO B 26 1.69 8.07 32.29
CA PRO B 26 3.06 7.62 32.04
C PRO B 26 3.10 6.66 30.87
N VAL B 27 4.24 6.64 30.19
CA VAL B 27 4.55 5.58 29.24
C VAL B 27 5.64 4.75 29.89
N VAL B 28 5.29 3.60 30.43
CA VAL B 28 6.24 2.68 31.06
C VAL B 28 6.62 1.65 30.00
N PRO B 29 7.90 1.45 29.71
CA PRO B 29 8.26 0.49 28.67
C PRO B 29 7.83 -0.93 29.02
N TRP B 30 7.73 -1.73 27.97
CA TRP B 30 7.53 -3.17 28.07
C TRP B 30 6.20 -3.55 28.71
N THR B 31 5.21 -2.65 28.70
CA THR B 31 3.97 -2.87 29.43
C THR B 31 2.78 -2.66 28.51
N PRO B 32 2.04 -3.72 28.16
CA PRO B 32 0.86 -3.57 27.33
C PRO B 32 -0.19 -2.76 28.06
N PRO B 33 -0.65 -1.64 27.47
CA PRO B 33 -1.61 -0.79 28.18
C PRO B 33 -3.04 -1.27 28.03
N GLU B 34 -3.87 -0.82 28.97
CA GLU B 34 -5.30 -0.97 28.83
C GLU B 34 -5.76 -0.22 27.58
N PRO B 35 -6.86 -0.62 26.96
CA PRO B 35 -7.32 0.06 25.74
C PRO B 35 -7.51 1.56 26.03
N GLY B 36 -7.17 2.38 25.04
CA GLY B 36 -7.34 3.81 25.17
C GLY B 36 -7.16 4.47 23.81
N ILE B 37 -7.50 5.74 23.77
CA ILE B 37 -7.27 6.59 22.60
C ILE B 37 -6.09 7.49 22.92
N ASP B 38 -4.97 7.28 22.24
CA ASP B 38 -3.77 8.08 22.49
C ASP B 38 -3.86 9.39 21.73
N ASN B 39 -3.66 10.50 22.45
CA ASN B 39 -3.64 11.84 21.86
C ASN B 39 -2.17 12.28 21.85
N LEU B 40 -1.55 12.23 20.69
CA LEU B 40 -0.10 12.31 20.57
C LEU B 40 0.33 13.40 19.59
N GLY B 41 1.46 14.06 19.91
CA GLY B 41 2.09 14.93 18.95
C GLY B 41 2.87 14.15 17.90
N ILE B 42 3.10 14.79 16.76
CA ILE B 42 3.84 14.18 15.66
C ILE B 42 4.41 15.30 14.79
N ASN B 43 5.58 15.04 14.19
CA ASN B 43 6.11 15.91 13.13
C ASN B 43 6.56 15.02 11.98
N SER B 44 6.71 15.62 10.80
CA SER B 44 7.12 14.86 9.62
C SER B 44 7.81 15.77 8.62
N ILE B 45 8.49 15.13 7.66
CA ILE B 45 9.10 15.80 6.52
C ILE B 45 8.63 15.04 5.29
N ASP B 46 7.92 15.73 4.40
CA ASP B 46 7.27 15.13 3.25
C ASP B 46 7.82 15.75 1.98
N THR B 47 8.07 14.94 0.95
CA THR B 47 8.49 15.48 -0.34
C THR B 47 7.41 15.23 -1.39
N PHE B 48 7.08 16.27 -2.16
CA PHE B 48 6.03 16.21 -3.16
C PHE B 48 6.62 16.54 -4.53
N ALA B 49 6.36 15.68 -5.51
CA ALA B 49 6.75 15.93 -6.90
C ALA B 49 5.50 16.33 -7.67
N VAL B 50 5.55 17.51 -8.30
CA VAL B 50 4.50 18.00 -9.18
C VAL B 50 5.02 17.91 -10.61
N PRO B 51 4.48 17.02 -11.45
CA PRO B 51 5.10 16.74 -12.75
C PRO B 51 5.31 17.98 -13.60
N GLY B 52 6.51 18.08 -14.17
CA GLY B 52 6.87 19.19 -15.01
C GLY B 52 7.00 20.52 -14.31
N VAL B 53 6.90 20.54 -12.98
CA VAL B 53 6.85 21.79 -12.24
C VAL B 53 7.99 21.85 -11.23
N GLY B 54 8.00 20.90 -10.30
CA GLY B 54 9.06 20.92 -9.30
C GLY B 54 8.84 19.82 -8.28
N GLU B 55 9.82 19.70 -7.39
CA GLU B 55 9.74 18.82 -6.22
C GLU B 55 9.96 19.69 -5.00
N TYR B 56 9.18 19.46 -3.95
CA TYR B 56 9.19 20.35 -2.80
C TYR B 56 9.19 19.53 -1.52
N THR B 57 10.04 19.93 -0.58
CA THR B 57 10.15 19.25 0.70
C THR B 57 9.58 20.16 1.77
N VAL B 58 8.64 19.63 2.54
CA VAL B 58 7.86 20.43 3.48
C VAL B 58 7.86 19.75 4.85
N ALA B 59 8.11 20.54 5.90
CA ALA B 59 8.06 20.06 7.27
C ALA B 59 6.68 20.29 7.84
N PHE B 60 6.17 19.28 8.56
CA PHE B 60 4.84 19.35 9.15
C PHE B 60 4.91 19.11 10.65
N ASP B 61 3.97 19.71 11.36
CA ASP B 61 3.81 19.50 12.79
C ASP B 61 2.33 19.37 13.10
N GLY B 62 2.01 18.56 14.10
CA GLY B 62 0.62 18.42 14.49
C GLY B 62 0.35 17.31 15.49
N TRP B 63 -0.78 16.64 15.33
CA TRP B 63 -1.20 15.66 16.31
C TRP B 63 -1.98 14.55 15.61
N VAL B 64 -2.04 13.41 16.30
CA VAL B 64 -2.86 12.28 15.87
C VAL B 64 -3.61 11.72 17.08
N ARG B 65 -4.77 11.12 16.80
CA ARG B 65 -5.53 10.39 17.80
C ARG B 65 -5.63 8.95 17.29
N VAL B 66 -5.11 8.01 18.09
CA VAL B 66 -5.00 6.61 17.68
C VAL B 66 -5.66 5.75 18.74
N VAL B 67 -6.71 5.03 18.37
CA VAL B 67 -7.34 4.11 19.29
C VAL B 67 -6.62 2.78 19.27
N ARG B 68 -6.43 2.19 20.44
CA ARG B 68 -5.83 0.86 20.57
C ARG B 68 -6.89 -0.14 21.03
N SER B 69 -6.84 -1.34 20.47
CA SER B 69 -7.64 -2.45 20.95
C SER B 69 -7.10 -2.88 22.31
N PRO B 70 -7.84 -3.71 23.06
CA PRO B 70 -7.21 -4.35 24.21
C PRO B 70 -6.02 -5.16 23.72
N SER B 71 -5.01 -5.29 24.57
CA SER B 71 -3.89 -6.15 24.21
C SER B 71 -4.35 -7.61 24.24
N THR B 72 -3.83 -8.40 23.31
CA THR B 72 -4.14 -9.83 23.33
C THR B 72 -3.50 -10.53 24.51
N SER B 73 -2.57 -9.87 25.20
CA SER B 73 -1.95 -10.45 26.39
C SER B 73 -1.47 -9.35 27.32
N GLY B 74 -1.44 -9.66 28.62
CA GLY B 74 -0.83 -8.79 29.58
C GLY B 74 0.68 -8.92 29.69
N GLU B 75 1.24 -9.96 29.07
CA GLU B 75 2.68 -10.17 28.99
C GLU B 75 3.19 -9.60 27.68
N TRP B 76 4.23 -8.77 27.77
CA TRP B 76 4.70 -8.06 26.58
C TRP B 76 4.96 -9.00 25.41
N ALA B 77 5.69 -10.10 25.65
CA ALA B 77 6.18 -10.91 24.54
C ALA B 77 5.04 -11.41 23.67
N ASP B 78 3.91 -11.76 24.28
CA ASP B 78 2.77 -12.33 23.58
C ASP B 78 1.81 -11.27 23.08
N ALA B 79 1.97 -10.03 23.54
CA ALA B 79 0.95 -9.02 23.32
C ALA B 79 0.98 -8.52 21.89
N GLU B 80 -0.21 -8.42 21.30
CA GLU B 80 -0.43 -7.70 20.06
C GLU B 80 -1.50 -6.64 20.31
N VAL B 81 -1.38 -5.53 19.61
CA VAL B 81 -2.36 -4.44 19.70
C VAL B 81 -2.74 -4.03 18.29
N TYR B 82 -4.04 -3.88 18.05
CA TYR B 82 -4.58 -3.38 16.79
C TYR B 82 -4.97 -1.92 16.97
N THR B 83 -4.73 -1.12 15.94
CA THR B 83 -4.92 0.32 16.03
C THR B 83 -5.76 0.84 14.88
N ASN B 84 -6.48 1.93 15.16
CA ASN B 84 -7.06 2.74 14.10
C ASN B 84 -6.63 4.19 14.33
N LEU B 85 -6.28 4.87 13.25
CA LEU B 85 -6.04 6.31 13.29
C LEU B 85 -7.38 6.98 13.05
N ILE B 86 -7.91 7.66 14.08
CA ILE B 86 -9.29 8.15 14.02
C ILE B 86 -9.41 9.65 13.77
N GLU B 87 -8.33 10.42 13.98
CA GLU B 87 -8.36 11.85 13.73
C GLU B 87 -6.92 12.34 13.67
N MET B 88 -6.65 13.33 12.82
N MET B 88 -6.66 13.31 12.81
CA MET B 88 -5.30 13.85 12.65
CA MET B 88 -5.35 13.93 12.79
C MET B 88 -5.34 15.26 12.07
C MET B 88 -5.46 15.36 12.26
N LYS B 89 -4.40 16.12 12.49
CA LYS B 89 -4.23 17.42 11.87
C LYS B 89 -2.73 17.73 11.89
N MET B 90 -2.12 17.82 10.71
CA MET B 90 -0.75 18.29 10.60
C MET B 90 -0.69 19.44 9.60
N VAL B 91 0.16 20.42 9.90
CA VAL B 91 0.27 21.61 9.07
C VAL B 91 1.73 21.87 8.73
N GLY B 92 1.97 22.28 7.49
CA GLY B 92 3.27 22.73 7.05
C GLY B 92 3.06 23.78 5.98
N GLU B 93 4.13 24.47 5.64
CA GLU B 93 4.00 25.55 4.67
C GLU B 93 5.24 25.62 3.78
N CYS B 94 5.01 26.14 2.59
CA CYS B 94 5.94 26.09 1.48
C CYS B 94 5.52 27.22 0.57
N GLU B 95 6.50 27.98 0.07
CA GLU B 95 6.16 29.12 -0.77
C GLU B 95 5.42 28.67 -2.02
N GLU B 96 5.90 27.61 -2.66
CA GLU B 96 5.35 27.19 -3.94
C GLU B 96 3.99 26.52 -3.76
N LEU B 97 3.83 25.71 -2.72
CA LEU B 97 2.60 24.97 -2.52
C LEU B 97 1.65 25.64 -1.52
N GLY B 98 2.10 26.67 -0.83
CA GLY B 98 1.27 27.31 0.18
C GLY B 98 1.21 26.50 1.46
N LYS B 99 0.24 26.85 2.31
CA LYS B 99 0.02 26.12 3.55
C LYS B 99 -0.71 24.82 3.26
N ILE B 100 -0.16 23.71 3.72
CA ILE B 100 -0.73 22.38 3.48
C ILE B 100 -1.23 21.82 4.81
N THR B 101 -2.49 21.39 4.85
CA THR B 101 -3.08 20.79 6.03
C THR B 101 -3.45 19.36 5.71
N VAL B 102 -2.98 18.43 6.54
CA VAL B 102 -3.18 17.00 6.33
C VAL B 102 -4.15 16.50 7.39
N THR B 103 -5.24 15.86 6.94
CA THR B 103 -6.26 15.28 7.79
C THR B 103 -6.59 13.90 7.25
N LEU B 104 -7.51 13.21 7.91
CA LEU B 104 -7.90 11.90 7.42
C LEU B 104 -8.99 11.99 6.37
N ASN B 105 -8.93 11.08 5.40
CA ASN B 105 -10.02 10.91 4.46
C ASN B 105 -11.16 10.17 5.16
N PRO B 106 -12.33 10.78 5.33
CA PRO B 106 -13.41 10.10 6.07
C PRO B 106 -13.91 8.84 5.40
N ASP B 107 -13.61 8.64 4.11
CA ASP B 107 -14.06 7.45 3.41
C ASP B 107 -13.16 6.25 3.67
N CYS B 108 -12.02 6.43 4.35
CA CYS B 108 -11.03 5.38 4.50
C CYS B 108 -10.83 5.08 5.97
N LEU B 109 -10.78 3.80 6.31
CA LEU B 109 -10.38 3.38 7.64
C LEU B 109 -8.86 3.22 7.63
N SER B 110 -8.18 4.09 8.38
CA SER B 110 -6.74 3.98 8.57
C SER B 110 -6.47 3.09 9.77
N ALA B 111 -5.73 2.01 9.56
CA ALA B 111 -5.64 0.95 10.56
C ALA B 111 -4.24 0.36 10.57
N GLY B 112 -3.85 -0.18 11.71
CA GLY B 112 -2.51 -0.70 11.87
C GLY B 112 -2.43 -1.71 12.99
N GLN B 113 -1.21 -2.10 13.31
CA GLN B 113 -1.01 -3.07 14.37
C GLN B 113 0.39 -2.94 14.93
N ILE B 114 0.56 -3.51 16.12
CA ILE B 114 1.84 -3.54 16.81
C ILE B 114 2.05 -4.98 17.21
N ARG B 115 3.10 -5.60 16.72
CA ARG B 115 3.39 -6.98 17.05
C ARG B 115 4.87 -7.26 16.81
N THR B 116 5.35 -8.33 17.41
CA THR B 116 6.73 -8.75 17.23
C THR B 116 6.99 -8.99 15.75
N PRO B 117 8.07 -8.46 15.19
CA PRO B 117 8.39 -8.76 13.79
C PRO B 117 8.82 -10.20 13.61
N PHE B 118 8.63 -10.72 12.39
CA PHE B 118 9.10 -12.07 12.10
C PHE B 118 10.59 -12.07 11.81
N ASP B 119 11.13 -10.91 11.49
CA ASP B 119 12.51 -10.72 11.06
C ASP B 119 13.17 -9.63 11.90
N PRO B 120 13.37 -9.88 13.19
CA PRO B 120 13.92 -8.80 14.03
C PRO B 120 15.32 -8.39 13.61
N TYR B 121 15.57 -7.07 13.66
CA TYR B 121 16.86 -6.52 13.26
C TYR B 121 17.85 -6.63 14.41
N ALA B 122 19.12 -6.49 14.06
CA ALA B 122 20.18 -6.60 15.06
C ALA B 122 19.95 -5.63 16.20
N GLY B 123 19.47 -4.42 15.90
CA GLY B 123 19.31 -3.46 16.97
C GLY B 123 17.96 -3.49 17.65
N GLU B 124 17.10 -4.42 17.26
CA GLU B 124 15.83 -4.57 17.94
C GLU B 124 15.90 -5.51 19.13
N GLY B 125 16.66 -6.59 19.05
CA GLY B 125 16.62 -7.56 20.10
C GLY B 125 15.36 -8.40 19.94
N PRO B 126 15.27 -9.48 20.71
CA PRO B 126 14.12 -10.39 20.60
C PRO B 126 12.86 -9.90 21.29
N SER B 127 12.90 -8.78 22.02
CA SER B 127 11.72 -8.32 22.73
C SER B 127 11.00 -7.16 22.05
N ALA B 128 11.68 -6.41 21.18
CA ALA B 128 11.05 -5.25 20.57
C ALA B 128 9.94 -5.67 19.61
N LYS B 129 9.00 -4.77 19.38
CA LYS B 129 7.91 -4.98 18.45
C LYS B 129 8.06 -4.04 17.27
N ALA B 130 7.18 -4.22 16.29
CA ALA B 130 7.11 -3.38 15.11
C ALA B 130 5.69 -2.82 15.00
N CYS B 131 5.59 -1.53 14.68
CA CYS B 131 4.32 -0.82 14.57
C CYS B 131 4.15 -0.37 13.12
N ARG B 132 2.95 -0.54 12.59
CA ARG B 132 2.64 -0.14 11.23
C ARG B 132 1.24 0.44 11.19
N MET B 133 1.01 1.34 10.24
CA MET B 133 -0.28 1.98 10.04
C MET B 133 -0.46 2.24 8.56
N ALA B 134 -1.66 1.94 8.04
CA ALA B 134 -1.98 2.16 6.63
C ALA B 134 -3.00 3.29 6.58
N VAL B 135 -2.65 4.40 5.92
CA VAL B 135 -3.36 5.66 6.10
C VAL B 135 -3.97 6.16 4.80
N GLY B 136 -5.24 6.57 4.88
CA GLY B 136 -5.88 7.34 3.83
C GLY B 136 -6.03 8.80 4.24
N ALA B 137 -5.32 9.70 3.55
CA ALA B 137 -5.24 11.08 3.97
C ALA B 137 -5.81 12.03 2.93
N ILE B 138 -6.02 13.26 3.39
CA ILE B 138 -6.39 14.40 2.57
C ILE B 138 -5.32 15.47 2.75
N PHE B 139 -4.85 16.03 1.64
CA PHE B 139 -3.87 17.10 1.65
C PHE B 139 -4.56 18.36 1.10
N ASP B 140 -4.84 19.30 1.98
CA ASP B 140 -5.52 20.53 1.60
C ASP B 140 -4.48 21.57 1.20
N MET B 141 -4.56 22.04 -0.05
CA MET B 141 -3.59 22.98 -0.61
C MET B 141 -4.35 24.19 -1.13
N PRO B 142 -4.85 25.04 -0.23
CA PRO B 142 -5.65 26.20 -0.65
C PRO B 142 -4.97 27.09 -1.66
N LYS B 143 -3.65 27.23 -1.58
CA LYS B 143 -2.96 28.10 -2.51
C LYS B 143 -3.21 27.66 -3.95
N LEU B 144 -3.23 26.36 -4.16
CA LEU B 144 -3.46 25.79 -5.49
C LEU B 144 -4.94 25.55 -5.78
N GLY B 145 -5.82 25.89 -4.84
CA GLY B 145 -7.24 25.64 -5.01
C GLY B 145 -7.61 24.17 -5.05
N LEU B 146 -6.81 23.33 -4.39
CA LEU B 146 -6.98 21.89 -4.53
C LEU B 146 -6.98 21.20 -3.18
N LYS B 147 -7.68 20.06 -3.11
CA LYS B 147 -7.52 19.08 -2.06
C LYS B 147 -7.14 17.77 -2.73
N LEU B 148 -6.12 17.09 -2.22
CA LEU B 148 -5.67 15.83 -2.80
C LEU B 148 -5.87 14.68 -1.85
N MET B 149 -5.91 13.48 -2.41
N MET B 149 -5.94 13.46 -2.41
CA MET B 149 -6.08 12.26 -1.62
CA MET B 149 -6.13 12.25 -1.62
C MET B 149 -5.22 11.16 -2.22
C MET B 149 -5.39 11.09 -2.28
N ASN B 150 -5.06 10.09 -1.47
CA ASN B 150 -4.37 8.88 -1.94
C ASN B 150 -5.32 7.70 -1.95
N ARG B 151 -5.24 6.89 -3.03
CA ARG B 151 -5.91 5.60 -3.10
C ARG B 151 -5.05 4.44 -2.62
N GLU B 152 -3.74 4.47 -2.89
CA GLU B 152 -2.84 3.52 -2.26
C GLU B 152 -2.62 4.01 -0.83
N PRO B 153 -2.78 3.17 0.19
CA PRO B 153 -2.56 3.68 1.55
C PRO B 153 -1.09 4.07 1.75
N ILE B 154 -0.88 5.13 2.52
CA ILE B 154 0.46 5.48 2.95
C ILE B 154 0.82 4.56 4.10
N ILE B 155 1.87 3.77 3.92
CA ILE B 155 2.29 2.79 4.92
C ILE B 155 3.34 3.45 5.81
N LEU B 156 3.01 3.60 7.10
CA LEU B 156 3.86 4.30 8.06
C LEU B 156 4.31 3.31 9.11
N THR B 157 5.63 3.25 9.34
CA THR B 157 6.18 2.19 10.16
C THR B 157 7.11 2.75 11.22
N ILE B 158 7.12 2.06 12.37
CA ILE B 158 8.04 2.33 13.46
C ILE B 158 8.65 1.01 13.88
N ASP B 159 9.97 0.93 13.87
CA ASP B 159 10.67 -0.28 14.29
C ASP B 159 11.17 -0.11 15.73
N ASP B 160 11.67 -1.21 16.30
CA ASP B 160 12.24 -1.20 17.65
C ASP B 160 11.30 -0.58 18.67
N VAL B 161 10.06 -1.05 18.70
CA VAL B 161 9.05 -0.57 19.64
C VAL B 161 9.23 -1.27 20.98
N ARG B 162 9.54 -0.49 22.02
CA ARG B 162 9.71 -1.00 23.37
C ARG B 162 8.70 -0.42 24.36
N SER B 163 7.79 0.42 23.89
CA SER B 163 6.68 0.89 24.71
C SER B 163 5.49 1.09 23.80
N ILE B 164 4.29 0.99 24.38
CA ILE B 164 3.05 1.26 23.66
C ILE B 164 2.31 2.32 24.46
N PRO B 165 2.09 3.53 23.91
CA PRO B 165 2.49 3.94 22.56
C PRO B 165 3.97 4.19 22.44
N PRO B 166 4.51 4.12 21.22
CA PRO B 166 5.94 4.38 21.02
C PRO B 166 6.24 5.89 20.97
N ALA B 167 5.97 6.57 22.08
CA ALA B 167 6.23 8.00 22.16
C ALA B 167 7.71 8.26 21.88
N GLY B 168 7.98 9.34 21.15
CA GLY B 168 9.34 9.75 20.84
C GLY B 168 9.99 9.02 19.68
N ALA B 169 9.35 8.00 19.13
CA ALA B 169 10.06 7.13 18.21
C ALA B 169 10.10 7.69 16.78
N PRO B 170 11.18 7.41 16.05
CA PRO B 170 11.25 7.76 14.63
C PRO B 170 10.47 6.76 13.79
N GLY B 171 9.94 7.24 12.66
CA GLY B 171 9.19 6.37 11.77
C GLY B 171 9.40 6.77 10.31
N LYS B 172 8.91 5.90 9.42
CA LYS B 172 9.19 6.05 8.00
C LYS B 172 7.92 5.79 7.20
N GLY B 173 7.77 6.54 6.11
CA GLY B 173 6.75 6.17 5.14
C GLY B 173 7.35 5.25 4.11
N GLN B 174 6.74 4.08 3.93
CA GLN B 174 7.29 3.08 3.00
C GLN B 174 6.66 3.33 1.63
N ILE B 175 7.25 4.29 0.92
CA ILE B 175 6.77 4.74 -0.37
C ILE B 175 7.86 4.41 -1.38
N TYR B 176 7.52 3.57 -2.34
CA TYR B 176 8.49 3.14 -3.35
C TYR B 176 8.39 4.05 -4.56
N ARG B 177 9.32 5.01 -4.63
CA ARG B 177 9.51 5.93 -5.76
C ARG B 177 8.42 6.99 -5.86
N MET B 178 7.16 6.60 -5.78
CA MET B 178 6.08 7.57 -5.94
C MET B 178 4.75 7.02 -5.45
N MET B 179 3.98 7.89 -4.78
N MET B 179 4.03 7.86 -4.72
CA MET B 179 2.64 7.59 -4.28
CA MET B 179 2.66 7.57 -4.35
C MET B 179 1.66 8.58 -4.92
C MET B 179 1.76 8.57 -5.05
N PRO B 180 0.76 8.14 -5.80
CA PRO B 180 -0.12 9.11 -6.47
C PRO B 180 -1.02 9.87 -5.51
N LEU B 181 -1.12 11.18 -5.75
CA LEU B 181 -2.05 12.03 -5.04
C LEU B 181 -3.05 12.59 -6.06
N LEU B 182 -4.33 12.36 -5.81
CA LEU B 182 -5.39 12.63 -6.78
C LEU B 182 -6.24 13.79 -6.28
N ASP B 183 -6.72 14.62 -7.22
CA ASP B 183 -7.68 15.67 -6.91
C ASP B 183 -8.98 15.03 -6.42
N VAL B 184 -9.45 15.45 -5.25
CA VAL B 184 -10.70 14.90 -4.71
C VAL B 184 -11.86 15.18 -5.66
N ASN B 185 -11.76 16.22 -6.49
N ASN B 185 -11.76 16.24 -6.47
CA ASN B 185 -12.80 16.57 -7.44
CA ASN B 185 -12.78 16.61 -7.44
C ASN B 185 -12.57 15.95 -8.81
C ASN B 185 -12.59 15.93 -8.79
N ASP B 186 -11.48 15.19 -8.97
CA ASP B 186 -11.24 14.43 -10.20
C ASP B 186 -10.52 13.15 -9.80
N PRO B 187 -11.13 12.32 -8.95
CA PRO B 187 -10.38 11.21 -8.34
C PRO B 187 -10.03 10.09 -9.30
N ASP B 188 -10.71 9.97 -10.43
CA ASP B 188 -10.35 9.02 -11.48
C ASP B 188 -9.45 9.65 -12.53
N GLY B 189 -8.95 10.86 -12.29
CA GLY B 189 -8.09 11.54 -13.24
C GLY B 189 -6.63 11.18 -13.04
N GLN B 190 -5.78 11.79 -13.85
CA GLN B 190 -4.36 11.62 -13.65
C GLN B 190 -3.96 12.22 -12.30
N PRO B 191 -2.94 11.67 -11.66
CA PRO B 191 -2.47 12.29 -10.41
C PRO B 191 -2.04 13.73 -10.60
N VAL B 192 -2.34 14.56 -9.60
CA VAL B 192 -1.89 15.96 -9.61
C VAL B 192 -0.46 16.07 -9.13
N ALA B 193 -0.07 15.19 -8.21
CA ALA B 193 1.25 15.21 -7.60
C ALA B 193 1.53 13.81 -7.08
N TYR B 194 2.77 13.60 -6.65
CA TYR B 194 3.18 12.35 -6.03
C TYR B 194 3.89 12.66 -4.73
N LEU B 195 3.54 11.91 -3.68
CA LEU B 195 4.33 11.91 -2.47
C LEU B 195 5.50 10.96 -2.72
N THR B 196 6.72 11.49 -2.71
CA THR B 196 7.89 10.70 -3.06
C THR B 196 8.70 10.24 -1.86
N SER B 197 8.57 10.92 -0.72
CA SER B 197 9.19 10.43 0.50
C SER B 197 8.49 11.03 1.70
N LEU B 198 8.58 10.32 2.83
CA LEU B 198 8.01 10.78 4.08
C LEU B 198 8.73 10.08 5.22
N ARG B 199 9.18 10.87 6.20
CA ARG B 199 9.67 10.36 7.48
C ARG B 199 9.01 11.19 8.57
N PHE B 200 8.90 10.61 9.78
CA PHE B 200 8.19 11.29 10.85
C PHE B 200 8.81 10.94 12.18
N ASN B 201 8.43 11.70 13.20
CA ASN B 201 8.78 11.40 14.58
C ASN B 201 7.52 11.47 15.42
N MET B 202 7.29 10.47 16.25
CA MET B 202 6.25 10.56 17.25
C MET B 202 6.73 11.49 18.37
N GLY B 203 5.82 12.32 18.86
CA GLY B 203 6.06 13.06 20.08
C GLY B 203 5.53 12.31 21.26
N GLY B 204 4.96 13.05 22.23
CA GLY B 204 4.41 12.41 23.41
C GLY B 204 2.95 12.77 23.59
N TYR B 205 2.38 12.41 24.74
CA TYR B 205 0.99 12.73 25.00
C TYR B 205 0.80 14.23 25.10
N LEU B 206 -0.32 14.71 24.56
CA LEU B 206 -0.69 16.11 24.59
C LEU B 206 -1.77 16.35 25.62
N LYS B 207 -1.88 17.61 26.06
CA LYS B 207 -3.00 18.05 26.85
C LYS B 207 -4.23 18.18 25.95
N PRO B 208 -5.44 18.03 26.51
CA PRO B 208 -6.65 18.18 25.67
C PRO B 208 -6.70 19.47 24.88
N ASP B 209 -6.27 20.59 25.46
CA ASP B 209 -6.35 21.87 24.76
C ASP B 209 -5.19 22.12 23.79
N GLN B 210 -4.25 21.18 23.64
CA GLN B 210 -3.15 21.36 22.69
C GLN B 210 -3.47 20.90 21.27
N MET B 211 -4.73 20.60 20.97
CA MET B 211 -5.09 19.99 19.71
C MET B 211 -6.10 20.91 19.02
C1 PLM C . 1.85 -3.85 -19.30
O1 PLM C . 1.02 -4.80 -19.60
O2 PLM C . 2.36 -3.11 -20.12
C2 PLM C . 2.15 -3.74 -17.84
C3 PLM C . 2.51 -5.02 -17.15
C4 PLM C . 2.81 -4.72 -15.70
C5 PLM C . 2.51 -5.81 -14.76
C6 PLM C . 2.75 -5.40 -13.32
C7 PLM C . 3.43 -6.50 -12.55
C8 PLM C . 2.76 -7.84 -12.74
C9 PLM C . 1.34 -7.89 -12.23
CA PLM C . 1.27 -8.40 -10.82
CB PLM C . 1.42 -9.90 -10.75
CC PLM C . 0.51 -10.51 -9.73
CD PLM C . 1.21 -11.02 -8.49
CE PLM C . 0.28 -10.96 -7.29
CF PLM C . 0.65 -11.86 -6.16
CG PLM C . -0.32 -11.77 -5.03
H PLM C . 0.84 -4.84 -20.58
H21 PLM C . 2.94 -3.00 -17.70
H22 PLM C . 1.27 -3.30 -17.35
H31 PLM C . 3.36 -5.49 -17.64
H32 PLM C . 1.71 -5.75 -17.23
H41 PLM C . 2.27 -3.83 -15.41
H42 PLM C . 3.87 -4.44 -15.61
H51 PLM C . 1.48 -6.14 -14.89
H52 PLM C . 3.11 -6.70 -15.00
H61 PLM C . 3.34 -4.49 -13.29
H62 PLM C . 1.81 -5.13 -12.85
H71 PLM C . 3.46 -6.24 -11.50
H72 PLM C . 4.47 -6.56 -12.84
H81 PLM C . 2.77 -8.11 -13.79
H82 PLM C . 3.35 -8.61 -12.25
H91 PLM C . 0.74 -8.52 -12.89
H92 PLM C . 0.89 -6.90 -12.30
HA1 PLM C . 0.33 -8.09 -10.36
HA2 PLM C . 2.04 -7.91 -10.21
HB1 PLM C . 1.22 -10.34 -11.73
HB2 PLM C . 2.46 -10.16 -10.54
HC1 PLM C . -0.24 -9.79 -9.44
HC2 PLM C . -0.05 -11.32 -10.17
HD1 PLM C . 1.57 -12.04 -8.64
HD2 PLM C . 2.12 -10.43 -8.30
HE1 PLM C . 0.23 -9.94 -6.94
HE2 PLM C . -0.73 -11.19 -7.62
HF1 PLM C . 0.71 -12.90 -6.51
HF2 PLM C . 1.66 -11.63 -5.81
HG1 PLM C . -0.03 -12.41 -4.20
HG2 PLM C . -0.39 -10.75 -4.65
HG3 PLM C . -1.32 -12.07 -5.35
C1 PLM D . -0.20 3.89 19.61
O1 PLM D . -1.05 4.88 19.75
O2 PLM D . 0.09 3.13 20.49
C2 PLM D . 0.33 3.75 18.21
C3 PLM D . 0.76 5.03 17.53
C4 PLM D . 1.35 4.69 16.18
C5 PLM D . 1.00 5.66 15.10
C6 PLM D . 1.57 5.26 13.76
C7 PLM D . 1.90 6.43 12.87
C8 PLM D . 0.71 7.34 12.65
C9 PLM D . 1.01 8.82 12.73
CA PLM D . 0.39 9.64 11.60
CB PLM D . 1.19 9.53 10.32
CC PLM D . 1.24 10.81 9.51
CD PLM D . 0.41 10.71 8.25
CE PLM D . 0.76 11.73 7.20
CF PLM D . 0.34 11.30 5.83
CG PLM D . 0.72 12.27 4.77
H PLM D . -1.39 4.94 20.68
H21 PLM D . -0.43 3.24 17.61
H22 PLM D . 1.16 3.05 18.23
H31 PLM D . -0.09 5.71 17.43
H32 PLM D . 1.47 5.57 18.14
H41 PLM D . 1.04 3.69 15.89
H42 PLM D . 2.44 4.63 16.27
H51 PLM D . -0.09 5.76 15.03
H52 PLM D . 1.34 6.66 15.37
H61 PLM D . 0.88 4.60 13.24
H62 PLM D . 2.47 4.65 13.91
H71 PLM D . 2.74 6.99 13.29
H72 PLM D . 2.29 6.07 11.91
H81 PLM D . -0.07 7.09 13.38
H82 PLM D . 0.25 7.11 11.69
H91 PLM D . 2.09 8.98 12.75
H92 PLM D . 0.66 9.22 13.69
HA1 PLM D . -0.64 9.31 11.43
HA2 PLM D . 0.30 10.68 11.90
HB1 PLM D . 0.79 8.72 9.71
HB2 PLM D . 2.20 9.21 10.56
HC1 PLM D . 2.26 11.05 9.26
HC2 PLM D . 0.91 11.65 10.11
HD1 PLM D . -0.65 10.81 8.51
HD2 PLM D . 0.49 9.71 7.83
HE1 PLM D . 0.31 12.70 7.44
HE2 PLM D . 1.84 11.92 7.22
HF1 PLM D . -0.74 11.14 5.80
HF2 PLM D . 0.76 10.32 5.60
HG1 PLM D . 1.70 12.71 4.96
HG2 PLM D . 0.01 13.09 4.69
HG3 PLM D . 0.78 11.80 3.79
#